data_9ORS
#
_entry.id   9ORS
#
_cell.length_a   44.800
_cell.length_b   105.780
_cell.length_c   47.680
_cell.angle_alpha   90.00
_cell.angle_beta   100.96
_cell.angle_gamma   90.00
#
_symmetry.space_group_name_H-M   'P 1 21 1'
#
loop_
_entity.id
_entity.type
_entity.pdbx_description
1 polymer Beta-lactamase
2 non-polymer (2S,5R)-1-formyl-5-[(sulfooxy)amino]piperidine-2-carboxamide
3 water water
#
_entity_poly.entity_id   1
_entity_poly.type   'polypeptide(L)'
_entity_poly.pdbx_seq_one_letter_code
;QTSAVQQKLAALEKSSGGRLGVALIDTADNTQVLYRGDERFPMCSTSKVMAAAAVLKQSETQKQLLNQPVEIKPADLVNY
NPIAEKHVNGTMTLAELSAAALQYSDNTAMNKLIAQLGGPGGVTAFARAIGDETFRLDRTEPTLNTAIPGDPRDTTTPRA
MAQTLRQLTLGHALGETQRAQLVTWLKGNTTGAASIRAGLPTSWTVGDKTGSGDYGTTNDIAVIWPQGRAPLVLVTYFTQ
PQQNAESRRDVLASAARIIAEGL
;
_entity_poly.pdbx_strand_id   A,B
#
loop_
_chem_comp.id
_chem_comp.type
_chem_comp.name
_chem_comp.formula
NXL non-polymer (2S,5R)-1-formyl-5-[(sulfooxy)amino]piperidine-2-carboxamide 'C7 H13 N3 O6 S'
#
# COMPACT_ATOMS: atom_id res chain seq x y z
N SER A 3 12.92 -3.32 -29.31
CA SER A 3 14.10 -4.19 -29.27
C SER A 3 14.97 -3.85 -28.06
N ALA A 4 15.18 -2.55 -27.80
CA ALA A 4 15.97 -2.15 -26.65
C ALA A 4 15.30 -2.59 -25.35
N VAL A 5 13.97 -2.47 -25.31
CA VAL A 5 13.21 -2.91 -24.15
C VAL A 5 13.34 -4.41 -23.97
N GLN A 6 13.30 -5.15 -25.10
CA GLN A 6 13.43 -6.60 -25.04
C GLN A 6 14.80 -6.98 -24.48
N GLN A 7 15.83 -6.26 -24.92
CA GLN A 7 17.19 -6.54 -24.44
C GLN A 7 17.36 -6.18 -22.96
N LYS A 8 16.87 -5.02 -22.54
CA LYS A 8 16.97 -4.66 -21.13
C LYS A 8 16.20 -5.62 -20.23
N LEU A 9 15.00 -6.03 -20.64
CA LEU A 9 14.29 -7.00 -19.82
C LEU A 9 15.05 -8.34 -19.78
N ALA A 10 15.68 -8.72 -20.88
CA ALA A 10 16.47 -9.95 -20.85
C ALA A 10 17.66 -9.82 -19.91
N ALA A 11 18.29 -8.65 -19.89
CA ALA A 11 19.42 -8.42 -18.99
C ALA A 11 18.98 -8.37 -17.53
N LEU A 12 17.83 -7.75 -17.25
CA LEU A 12 17.29 -7.77 -15.90
C LEU A 12 17.04 -9.21 -15.45
N GLU A 13 16.38 -9.99 -16.31
CA GLU A 13 16.11 -11.39 -15.95
C GLU A 13 17.41 -12.13 -15.70
N LYS A 14 18.41 -11.92 -16.58
CA LYS A 14 19.69 -12.60 -16.43
C LYS A 14 20.35 -12.25 -15.10
N SER A 15 20.25 -10.98 -14.69
CA SER A 15 20.86 -10.61 -13.43
C SER A 15 20.03 -11.01 -12.23
N SER A 16 18.79 -11.44 -12.47
CA SER A 16 17.84 -11.76 -11.41
C SER A 16 17.99 -13.19 -10.93
N GLY A 17 18.56 -14.07 -11.76
CA GLY A 17 18.65 -15.48 -11.43
C GLY A 17 17.34 -16.22 -11.51
N GLY A 18 16.32 -15.63 -12.12
CA GLY A 18 15.05 -16.28 -12.31
C GLY A 18 14.45 -16.11 -13.68
N ARG A 19 13.15 -16.36 -13.78
CA ARG A 19 12.40 -16.26 -15.02
C ARG A 19 11.37 -15.15 -14.88
N LEU A 20 11.43 -14.20 -15.81
CA LEU A 20 10.65 -12.96 -15.80
C LEU A 20 9.67 -12.97 -16.96
N GLY A 21 8.43 -12.59 -16.68
CA GLY A 21 7.42 -12.43 -17.70
C GLY A 21 6.78 -11.07 -17.60
N VAL A 22 6.68 -10.38 -18.71
CA VAL A 22 6.15 -9.02 -18.75
C VAL A 22 5.19 -8.92 -19.92
N ALA A 23 4.04 -8.30 -19.69
CA ALA A 23 3.17 -7.89 -20.78
C ALA A 23 2.65 -6.49 -20.48
N LEU A 24 2.91 -5.57 -21.39
CA LEU A 24 2.39 -4.22 -21.37
C LEU A 24 1.41 -4.08 -22.52
N ILE A 25 0.27 -3.47 -22.24
CA ILE A 25 -0.64 -2.96 -23.25
C ILE A 25 -0.76 -1.45 -23.09
N ASP A 26 -0.44 -0.71 -24.13
CA ASP A 26 -0.63 0.74 -24.18
C ASP A 26 -1.93 0.95 -24.94
N THR A 27 -2.97 1.33 -24.18
CA THR A 27 -4.30 1.54 -24.73
C THR A 27 -4.44 2.87 -25.48
N ALA A 28 -3.41 3.71 -25.48
CA ALA A 28 -3.42 4.86 -26.37
C ALA A 28 -3.44 4.42 -27.83
N ASP A 29 -2.78 3.31 -28.12
CA ASP A 29 -2.62 2.78 -29.47
C ASP A 29 -2.67 1.25 -29.50
N ASN A 30 -2.97 0.60 -28.38
CA ASN A 30 -2.99 -0.87 -28.28
C ASN A 30 -1.64 -1.49 -28.59
N THR A 31 -0.54 -0.75 -28.45
CA THR A 31 0.77 -1.37 -28.67
C THR A 31 1.22 -2.18 -27.46
N GLN A 32 1.78 -3.36 -27.74
CA GLN A 32 2.15 -4.32 -26.71
C GLN A 32 3.65 -4.41 -26.56
N VAL A 33 4.09 -4.73 -25.35
CA VAL A 33 5.47 -5.16 -25.11
C VAL A 33 5.42 -6.48 -24.36
N LEU A 34 6.08 -7.50 -24.90
CA LEU A 34 6.07 -8.83 -24.30
C LEU A 34 7.48 -9.32 -24.02
N TYR A 35 7.67 -9.93 -22.85
CA TYR A 35 8.87 -10.67 -22.51
C TYR A 35 8.41 -11.98 -21.89
N ARG A 36 8.71 -13.10 -22.54
CA ARG A 36 8.14 -14.39 -22.14
C ARG A 36 6.63 -14.28 -21.98
N GLY A 37 6.00 -13.52 -22.88
CA GLY A 37 4.58 -13.19 -22.76
C GLY A 37 3.65 -14.36 -22.94
N ASP A 38 4.10 -15.45 -23.56
CA ASP A 38 3.28 -16.61 -23.77
C ASP A 38 3.75 -17.81 -22.95
N GLU A 39 4.62 -17.60 -21.96
CA GLU A 39 5.01 -18.63 -21.01
C GLU A 39 4.09 -18.57 -19.79
N ARG A 40 3.77 -19.74 -19.23
CA ARG A 40 2.93 -19.76 -18.05
C ARG A 40 3.74 -19.44 -16.80
N PHE A 41 3.08 -18.75 -15.88
CA PHE A 41 3.63 -18.37 -14.61
C PHE A 41 2.56 -18.62 -13.57
N PRO A 42 2.95 -18.97 -12.35
CA PRO A 42 1.95 -19.11 -11.27
C PRO A 42 1.40 -17.75 -10.89
N MET A 43 0.07 -17.63 -10.88
CA MET A 43 -0.52 -16.34 -10.58
C MET A 43 -0.44 -15.96 -9.11
N CYS A 44 -0.52 -16.95 -8.22
CA CYS A 44 -0.60 -16.74 -6.78
C CYS A 44 -1.72 -15.73 -6.48
N SER A 45 -1.50 -14.74 -5.62
CA SER A 45 -2.59 -13.88 -5.17
C SER A 45 -3.16 -13.02 -6.29
N THR A 46 -2.47 -12.88 -7.43
CA THR A 46 -3.05 -12.06 -8.49
C THR A 46 -4.29 -12.71 -9.07
N SER A 47 -4.47 -14.01 -8.86
CA SER A 47 -5.69 -14.67 -9.31
C SER A 47 -6.91 -14.12 -8.59
N LYS A 48 -6.70 -13.50 -7.42
CA LYS A 48 -7.82 -12.95 -6.67
C LYS A 48 -8.58 -11.95 -7.51
N VAL A 49 -7.89 -11.22 -8.39
CA VAL A 49 -8.59 -10.26 -9.24
C VAL A 49 -9.74 -10.97 -9.96
N MET A 50 -9.40 -12.06 -10.66
CA MET A 50 -10.41 -12.81 -11.39
C MET A 50 -11.54 -13.20 -10.46
N ALA A 51 -11.21 -13.77 -9.30
CA ALA A 51 -12.27 -14.25 -8.43
C ALA A 51 -13.18 -13.11 -7.99
N ALA A 52 -12.60 -11.97 -7.64
CA ALA A 52 -13.45 -10.84 -7.25
C ALA A 52 -14.28 -10.35 -8.42
N ALA A 53 -13.67 -10.29 -9.60
CA ALA A 53 -14.41 -9.88 -10.77
C ALA A 53 -15.54 -10.83 -11.05
N ALA A 54 -15.30 -12.13 -10.81
CA ALA A 54 -16.34 -13.11 -11.09
C ALA A 54 -17.51 -12.93 -10.14
N VAL A 55 -17.24 -12.57 -8.89
CA VAL A 55 -18.35 -12.32 -7.99
C VAL A 55 -19.05 -11.03 -8.37
N LEU A 56 -18.28 -10.04 -8.82
CA LEU A 56 -18.90 -8.83 -9.36
C LEU A 56 -19.80 -9.17 -10.53
N LYS A 57 -19.36 -10.08 -11.40
CA LYS A 57 -20.22 -10.46 -12.51
C LYS A 57 -21.50 -11.12 -12.00
N GLN A 58 -21.37 -12.03 -11.02
CA GLN A 58 -22.57 -12.59 -10.39
C GLN A 58 -23.47 -11.50 -9.85
N SER A 59 -22.89 -10.43 -9.30
CA SER A 59 -23.74 -9.41 -8.72
C SER A 59 -24.50 -8.64 -9.78
N GLU A 60 -24.13 -8.76 -11.06
CA GLU A 60 -24.92 -8.07 -12.06
C GLU A 60 -26.31 -8.69 -12.20
N THR A 61 -26.46 -9.99 -11.86
CA THR A 61 -27.77 -10.59 -11.98
C THR A 61 -28.34 -11.00 -10.64
N GLN A 62 -27.72 -10.55 -9.55
CA GLN A 62 -28.21 -10.76 -8.20
C GLN A 62 -27.98 -9.33 -7.78
N LYS A 63 -29.03 -8.59 -7.47
CA LYS A 63 -28.86 -7.25 -6.92
C LYS A 63 -28.11 -7.24 -5.60
N GLN A 64 -28.61 -7.96 -4.62
CA GLN A 64 -28.14 -7.80 -3.26
C GLN A 64 -27.06 -8.81 -2.92
N LEU A 65 -26.36 -9.34 -3.92
CA LEU A 65 -25.40 -10.39 -3.65
C LEU A 65 -24.20 -9.85 -2.89
N LEU A 66 -23.75 -8.64 -3.21
CA LEU A 66 -22.52 -8.16 -2.59
C LEU A 66 -22.74 -7.80 -1.13
N ASN A 67 -24.00 -7.71 -0.71
CA ASN A 67 -24.37 -7.43 0.67
C ASN A 67 -24.71 -8.70 1.43
N GLN A 68 -24.72 -9.83 0.75
CA GLN A 68 -25.11 -11.09 1.36
C GLN A 68 -24.10 -11.49 2.41
N PRO A 69 -24.52 -11.75 3.65
CA PRO A 69 -23.57 -12.12 4.69
C PRO A 69 -23.02 -13.52 4.46
N VAL A 70 -21.75 -13.71 4.82
CA VAL A 70 -21.04 -14.97 4.75
C VAL A 70 -20.42 -15.27 6.12
N GLU A 71 -20.70 -16.46 6.64
CA GLU A 71 -20.23 -16.88 7.95
C GLU A 71 -18.73 -17.18 7.90
N ILE A 72 -17.97 -16.52 8.77
CA ILE A 72 -16.53 -16.77 8.92
C ILE A 72 -16.35 -17.68 10.12
N LYS A 73 -15.86 -18.89 9.88
CA LYS A 73 -15.66 -19.82 10.96
C LYS A 73 -14.18 -19.91 11.33
N PRO A 74 -13.88 -20.31 12.56
CA PRO A 74 -12.46 -20.50 12.94
C PRO A 74 -11.71 -21.41 11.98
N ALA A 75 -12.37 -22.50 11.54
CA ALA A 75 -11.78 -23.46 10.63
C ALA A 75 -11.53 -22.91 9.24
N ASP A 76 -12.12 -21.77 8.90
CA ASP A 76 -11.93 -21.21 7.57
C ASP A 76 -10.59 -20.53 7.41
N LEU A 77 -9.94 -20.18 8.52
CA LEU A 77 -8.71 -19.41 8.43
C LEU A 77 -7.60 -20.26 7.84
N VAL A 78 -6.82 -19.67 6.94
CA VAL A 78 -5.70 -20.37 6.33
C VAL A 78 -4.41 -19.64 6.73
N ASN A 79 -3.54 -19.38 5.75
CA ASN A 79 -2.20 -18.96 6.13
C ASN A 79 -2.07 -17.45 6.26
N TYR A 80 -2.99 -16.67 5.71
CA TYR A 80 -2.83 -15.21 5.75
C TYR A 80 -4.22 -14.58 5.66
N ASN A 81 -4.71 -14.13 6.80
CA ASN A 81 -6.12 -13.75 6.97
C ASN A 81 -6.17 -12.48 7.81
N PRO A 82 -5.49 -11.41 7.39
CA PRO A 82 -5.36 -10.24 8.29
C PRO A 82 -6.69 -9.58 8.58
N ILE A 83 -7.65 -9.72 7.70
CA ILE A 83 -8.98 -9.16 7.88
C ILE A 83 -9.95 -10.20 8.41
N ALA A 84 -9.93 -11.41 7.84
CA ALA A 84 -10.94 -12.40 8.23
C ALA A 84 -10.84 -12.77 9.71
N GLU A 85 -9.64 -12.76 10.31
CA GLU A 85 -9.55 -13.17 11.71
C GLU A 85 -10.35 -12.24 12.60
N LYS A 86 -10.56 -11.00 12.17
CA LYS A 86 -11.36 -10.10 12.99
C LYS A 86 -12.83 -10.50 13.03
N HIS A 87 -13.26 -11.33 12.08
CA HIS A 87 -14.68 -11.63 11.89
C HIS A 87 -15.00 -13.12 12.05
N VAL A 88 -14.05 -13.94 12.49
CA VAL A 88 -14.36 -15.33 12.73
C VAL A 88 -15.38 -15.43 13.86
N ASN A 89 -16.25 -16.43 13.76
CA ASN A 89 -17.47 -16.55 14.54
C ASN A 89 -18.39 -15.38 14.32
N GLY A 90 -18.13 -14.62 13.25
CA GLY A 90 -18.97 -13.51 12.86
C GLY A 90 -19.29 -13.62 11.38
N THR A 91 -19.59 -12.49 10.76
CA THR A 91 -19.90 -12.51 9.34
C THR A 91 -19.16 -11.40 8.60
N MET A 92 -18.96 -11.62 7.31
CA MET A 92 -18.49 -10.59 6.40
C MET A 92 -19.36 -10.59 5.15
N THR A 93 -19.62 -9.42 4.59
CA THR A 93 -20.36 -9.47 3.34
C THR A 93 -19.42 -9.84 2.19
N LEU A 94 -20.01 -10.27 1.08
CA LEU A 94 -19.20 -10.59 -0.08
C LEU A 94 -18.46 -9.37 -0.59
N ALA A 95 -19.01 -8.17 -0.41
CA ALA A 95 -18.27 -6.97 -0.76
C ALA A 95 -17.06 -6.79 0.15
N GLU A 96 -17.25 -6.98 1.46
CA GLU A 96 -16.11 -6.92 2.38
C GLU A 96 -15.09 -7.99 2.05
N LEU A 97 -15.55 -9.20 1.71
CA LEU A 97 -14.60 -10.26 1.39
C LEU A 97 -13.83 -9.94 0.12
N SER A 98 -14.51 -9.38 -0.88
CA SER A 98 -13.83 -9.00 -2.11
C SER A 98 -12.78 -7.92 -1.83
N ALA A 99 -13.16 -6.91 -1.04
CA ALA A 99 -12.22 -5.84 -0.70
C ALA A 99 -11.04 -6.38 0.09
N ALA A 100 -11.28 -7.29 1.04
CA ALA A 100 -10.20 -7.84 1.83
C ALA A 100 -9.25 -8.65 0.96
N ALA A 101 -9.81 -9.44 0.03
CA ALA A 101 -9.01 -10.24 -0.88
C ALA A 101 -8.16 -9.38 -1.79
N LEU A 102 -8.74 -8.31 -2.35
CA LEU A 102 -8.01 -7.52 -3.33
C LEU A 102 -7.03 -6.56 -2.66
N GLN A 103 -7.46 -5.86 -1.61
CA GLN A 103 -6.70 -4.77 -1.05
C GLN A 103 -5.75 -5.21 0.05
N TYR A 104 -6.07 -6.28 0.76
CA TYR A 104 -5.19 -6.77 1.81
C TYR A 104 -4.67 -8.16 1.50
N SER A 105 -5.13 -8.76 0.40
CA SER A 105 -4.70 -10.10 -0.01
C SER A 105 -4.97 -11.10 1.11
N ASP A 106 -6.19 -11.00 1.68
CA ASP A 106 -6.65 -11.94 2.70
C ASP A 106 -6.99 -13.26 2.02
N ASN A 107 -6.34 -14.35 2.47
CA ASN A 107 -6.52 -15.63 1.79
C ASN A 107 -7.83 -16.32 2.17
N THR A 108 -8.33 -16.08 3.38
CA THR A 108 -9.65 -16.60 3.74
C THR A 108 -10.73 -15.92 2.92
N ALA A 109 -10.60 -14.60 2.71
CA ALA A 109 -11.57 -13.91 1.86
C ALA A 109 -11.53 -14.47 0.44
N MET A 110 -10.33 -14.75 -0.07
CA MET A 110 -10.24 -15.34 -1.40
C MET A 110 -10.95 -16.68 -1.44
N ASN A 111 -10.78 -17.50 -0.38
CA ASN A 111 -11.45 -18.80 -0.35
C ASN A 111 -12.97 -18.64 -0.29
N LYS A 112 -13.45 -17.60 0.37
CA LYS A 112 -14.89 -17.34 0.39
C LYS A 112 -15.38 -16.92 -0.99
N LEU A 113 -14.59 -16.11 -1.70
CA LEU A 113 -14.95 -15.75 -3.07
C LEU A 113 -15.00 -17.00 -3.94
N ILE A 114 -13.98 -17.86 -3.83
CA ILE A 114 -13.94 -19.09 -4.60
C ILE A 114 -15.17 -19.94 -4.31
N ALA A 115 -15.53 -20.07 -3.02
CA ALA A 115 -16.68 -20.89 -2.66
C ALA A 115 -17.97 -20.29 -3.21
N GLN A 116 -18.06 -18.95 -3.21
CA GLN A 116 -19.24 -18.31 -3.78
C GLN A 116 -19.38 -18.60 -5.26
N LEU A 117 -18.30 -18.95 -5.95
CA LEU A 117 -18.35 -19.27 -7.37
C LEU A 117 -18.44 -20.77 -7.62
N GLY A 118 -18.54 -21.58 -6.57
CA GLY A 118 -18.66 -23.01 -6.75
C GLY A 118 -17.33 -23.72 -6.85
N GLY A 119 -16.24 -23.11 -6.39
CA GLY A 119 -14.95 -23.75 -6.45
C GLY A 119 -14.08 -23.13 -7.52
N PRO A 120 -12.81 -23.56 -7.58
CA PRO A 120 -11.89 -22.97 -8.58
C PRO A 120 -12.38 -23.02 -10.01
N GLY A 121 -13.05 -24.11 -10.39
CA GLY A 121 -13.58 -24.20 -11.74
C GLY A 121 -14.57 -23.11 -12.07
N GLY A 122 -15.23 -22.54 -11.07
CA GLY A 122 -16.12 -21.42 -11.34
C GLY A 122 -15.37 -20.15 -11.68
N VAL A 123 -14.19 -19.94 -11.08
CA VAL A 123 -13.34 -18.82 -11.48
C VAL A 123 -12.82 -19.04 -12.90
N THR A 124 -12.35 -20.25 -13.19
CA THR A 124 -11.94 -20.55 -14.55
C THR A 124 -13.08 -20.34 -15.54
N ALA A 125 -14.29 -20.75 -15.16
CA ALA A 125 -15.45 -20.58 -16.03
C ALA A 125 -15.72 -19.11 -16.30
N PHE A 126 -15.57 -18.26 -15.29
CA PHE A 126 -15.71 -16.82 -15.52
C PHE A 126 -14.64 -16.33 -16.50
N ALA A 127 -13.39 -16.77 -16.32
CA ALA A 127 -12.33 -16.41 -17.25
C ALA A 127 -12.72 -16.80 -18.67
N ARG A 128 -13.25 -18.01 -18.83
CA ARG A 128 -13.68 -18.44 -20.15
C ARG A 128 -14.79 -17.55 -20.67
N ALA A 129 -15.73 -17.17 -19.79
CA ALA A 129 -16.87 -16.37 -20.21
C ALA A 129 -16.47 -14.96 -20.63
N ILE A 130 -15.33 -14.44 -20.18
CA ILE A 130 -14.89 -13.12 -20.63
C ILE A 130 -13.78 -13.22 -21.68
N GLY A 131 -13.58 -14.40 -22.27
CA GLY A 131 -12.68 -14.54 -23.39
C GLY A 131 -11.26 -14.91 -23.06
N ASP A 132 -10.97 -15.26 -21.81
CA ASP A 132 -9.62 -15.66 -21.41
C ASP A 132 -9.55 -17.18 -21.51
N GLU A 133 -8.82 -17.66 -22.51
CA GLU A 133 -8.66 -19.09 -22.73
C GLU A 133 -7.48 -19.68 -21.96
N THR A 134 -6.59 -18.86 -21.42
CA THR A 134 -5.35 -19.30 -20.80
C THR A 134 -5.46 -19.47 -19.29
N PHE A 135 -6.09 -18.51 -18.61
CA PHE A 135 -6.25 -18.57 -17.16
C PHE A 135 -6.83 -19.92 -16.75
N ARG A 136 -6.24 -20.53 -15.72
CA ARG A 136 -6.87 -21.66 -15.05
C ARG A 136 -6.65 -21.54 -13.56
N LEU A 137 -7.74 -21.65 -12.81
CA LEU A 137 -7.65 -21.76 -11.36
C LEU A 137 -8.07 -23.18 -10.97
N ASP A 138 -7.20 -23.86 -10.24
CA ASP A 138 -7.35 -25.29 -9.97
C ASP A 138 -7.50 -25.60 -8.50
N ARG A 139 -6.94 -24.78 -7.62
CA ARG A 139 -6.92 -25.07 -6.19
C ARG A 139 -7.39 -23.84 -5.43
N THR A 140 -7.69 -24.04 -4.15
CA THR A 140 -8.01 -22.95 -3.25
C THR A 140 -6.75 -22.44 -2.56
N GLU A 141 -6.93 -21.44 -1.70
CA GLU A 141 -5.83 -21.03 -0.84
C GLU A 141 -5.66 -22.04 0.30
N PRO A 142 -4.43 -22.33 0.72
CA PRO A 142 -3.16 -21.75 0.24
C PRO A 142 -2.41 -22.57 -0.81
N THR A 143 -2.91 -23.73 -1.25
CA THR A 143 -2.10 -24.58 -2.10
C THR A 143 -1.98 -24.06 -3.53
N LEU A 144 -2.82 -23.13 -3.95
CA LEU A 144 -2.64 -22.56 -5.27
C LEU A 144 -1.34 -21.77 -5.43
N ASN A 145 -0.56 -21.59 -4.35
CA ASN A 145 0.67 -20.82 -4.38
C ASN A 145 1.92 -21.68 -4.44
N THR A 146 1.80 -22.99 -4.70
CA THR A 146 2.98 -23.85 -4.71
C THR A 146 3.98 -23.45 -5.78
N ALA A 147 3.49 -22.95 -6.91
CA ALA A 147 4.35 -22.30 -7.92
C ALA A 147 5.46 -23.22 -8.42
N ILE A 148 5.14 -24.49 -8.56
CA ILE A 148 6.16 -25.49 -8.92
C ILE A 148 6.53 -25.30 -10.39
N PRO A 149 7.81 -25.25 -10.74
CA PRO A 149 8.17 -25.11 -12.16
C PRO A 149 7.56 -26.21 -13.01
N GLY A 150 7.01 -25.81 -14.15
CA GLY A 150 6.41 -26.74 -15.09
C GLY A 150 4.98 -27.13 -14.77
N ASP A 151 4.46 -26.74 -13.60
CA ASP A 151 3.11 -27.11 -13.19
C ASP A 151 2.12 -26.12 -13.78
N PRO A 152 1.17 -26.55 -14.61
CA PRO A 152 0.22 -25.60 -15.20
C PRO A 152 -0.89 -25.16 -14.27
N ARG A 153 -1.06 -25.79 -13.11
CA ARG A 153 -2.17 -25.42 -12.24
C ARG A 153 -1.99 -24.00 -11.72
N ASP A 154 -3.08 -23.24 -11.69
CA ASP A 154 -3.08 -21.90 -11.10
C ASP A 154 -2.07 -21.01 -11.82
N THR A 155 -2.04 -21.11 -13.14
CA THR A 155 -1.10 -20.34 -13.94
C THR A 155 -1.85 -19.51 -14.99
N THR A 156 -1.15 -18.50 -15.50
CA THR A 156 -1.58 -17.85 -16.72
C THR A 156 -0.34 -17.33 -17.43
N THR A 157 -0.54 -16.69 -18.55
CA THR A 157 0.57 -16.04 -19.20
C THR A 157 0.50 -14.54 -19.00
N PRO A 158 1.62 -13.83 -19.12
CA PRO A 158 1.56 -12.36 -19.02
C PRO A 158 0.61 -11.75 -20.04
N ARG A 159 0.65 -12.23 -21.29
CA ARG A 159 -0.19 -11.64 -22.33
C ARG A 159 -1.68 -11.82 -22.02
N ALA A 160 -2.06 -13.04 -21.65
CA ALA A 160 -3.45 -13.31 -21.31
C ALA A 160 -3.90 -12.48 -20.12
N MET A 161 -3.06 -12.40 -19.08
CA MET A 161 -3.47 -11.66 -17.89
C MET A 161 -3.57 -10.17 -18.18
N ALA A 162 -2.69 -9.64 -19.04
CA ALA A 162 -2.77 -8.23 -19.40
C ALA A 162 -4.06 -7.94 -20.17
N GLN A 163 -4.37 -8.78 -21.18
CA GLN A 163 -5.60 -8.57 -21.94
C GLN A 163 -6.83 -8.69 -21.03
N THR A 164 -6.83 -9.69 -20.14
CA THR A 164 -7.97 -9.88 -19.25
C THR A 164 -8.11 -8.71 -18.30
N LEU A 165 -7.00 -8.26 -17.69
CA LEU A 165 -7.07 -7.14 -16.76
C LEU A 165 -7.57 -5.90 -17.47
N ARG A 166 -7.19 -5.71 -18.74
CA ARG A 166 -7.72 -4.58 -19.48
C ARG A 166 -9.22 -4.72 -19.65
N GLN A 167 -9.69 -5.91 -20.04
CA GLN A 167 -11.12 -6.10 -20.24
C GLN A 167 -11.89 -5.88 -18.95
N LEU A 168 -11.31 -6.27 -17.81
CA LEU A 168 -12.02 -6.15 -16.54
C LEU A 168 -12.06 -4.70 -16.05
N THR A 169 -10.95 -3.97 -16.20
CA THR A 169 -10.83 -2.65 -15.60
C THR A 169 -11.10 -1.50 -16.57
N LEU A 170 -10.81 -1.71 -17.85
CA LEU A 170 -10.95 -0.67 -18.86
C LEU A 170 -11.96 -1.03 -19.93
N GLY A 171 -12.23 -2.32 -20.14
CA GLY A 171 -13.18 -2.78 -21.13
C GLY A 171 -14.54 -3.01 -20.51
N HIS A 172 -15.32 -3.87 -21.14
CA HIS A 172 -16.70 -4.11 -20.72
C HIS A 172 -16.98 -5.57 -20.36
N ALA A 173 -15.97 -6.28 -19.84
CA ALA A 173 -16.24 -7.61 -19.30
C ALA A 173 -17.18 -7.53 -18.12
N LEU A 174 -17.15 -6.43 -17.38
CA LEU A 174 -18.06 -6.18 -16.28
C LEU A 174 -18.98 -5.02 -16.65
N GLY A 175 -20.13 -4.96 -15.99
CA GLY A 175 -20.96 -3.77 -16.07
C GLY A 175 -20.26 -2.55 -15.52
N GLU A 176 -20.77 -1.38 -15.88
CA GLU A 176 -20.10 -0.12 -15.56
C GLU A 176 -19.88 0.01 -14.06
N THR A 177 -20.93 -0.22 -13.27
CA THR A 177 -20.80 -0.10 -11.82
C THR A 177 -19.82 -1.12 -11.28
N GLN A 178 -19.86 -2.35 -11.81
CA GLN A 178 -18.99 -3.40 -11.32
C GLN A 178 -17.55 -3.11 -11.71
N ARG A 179 -17.34 -2.65 -12.96
CA ARG A 179 -16.02 -2.21 -13.39
C ARG A 179 -15.48 -1.12 -12.47
N ALA A 180 -16.33 -0.14 -12.14
CA ALA A 180 -15.89 0.96 -11.29
C ALA A 180 -15.54 0.47 -9.90
N GLN A 181 -16.33 -0.47 -9.38
CA GLN A 181 -16.02 -1.03 -8.07
C GLN A 181 -14.70 -1.79 -8.10
N LEU A 182 -14.46 -2.56 -9.17
CA LEU A 182 -13.20 -3.31 -9.28
C LEU A 182 -12.02 -2.36 -9.32
N VAL A 183 -12.15 -1.28 -10.08
CA VAL A 183 -11.05 -0.31 -10.20
C VAL A 183 -10.83 0.39 -8.87
N THR A 184 -11.92 0.75 -8.19
CA THR A 184 -11.82 1.32 -6.86
C THR A 184 -11.06 0.40 -5.91
N TRP A 185 -11.39 -0.89 -5.94
CA TRP A 185 -10.70 -1.85 -5.08
C TRP A 185 -9.22 -1.91 -5.43
N LEU A 186 -8.90 -2.02 -6.73
CA LEU A 186 -7.50 -2.12 -7.13
C LEU A 186 -6.71 -0.89 -6.74
N LYS A 187 -7.32 0.30 -6.89
CA LYS A 187 -6.61 1.52 -6.54
C LYS A 187 -6.37 1.65 -5.04
N GLY A 188 -7.14 0.96 -4.22
CA GLY A 188 -6.92 0.99 -2.78
C GLY A 188 -6.09 -0.16 -2.24
N ASN A 189 -5.38 -0.87 -3.13
CA ASN A 189 -4.47 -1.93 -2.68
C ASN A 189 -3.44 -1.38 -1.71
N THR A 190 -3.18 -2.14 -0.65
CA THR A 190 -2.21 -1.74 0.34
C THR A 190 -0.83 -2.36 0.14
N THR A 191 -0.71 -3.33 -0.76
CA THR A 191 0.46 -4.21 -0.82
C THR A 191 1.36 -3.93 -2.03
N GLY A 192 1.08 -2.89 -2.80
CA GLY A 192 1.68 -2.75 -4.10
C GLY A 192 2.84 -1.79 -4.25
N ALA A 193 3.19 -1.04 -3.19
CA ALA A 193 4.09 0.09 -3.37
C ALA A 193 5.53 -0.33 -3.68
N ALA A 194 5.90 -1.58 -3.43
CA ALA A 194 7.26 -2.03 -3.69
C ALA A 194 7.40 -2.71 -5.04
N SER A 195 6.34 -2.84 -5.80
CA SER A 195 6.32 -3.69 -7.00
C SER A 195 6.27 -2.79 -8.23
N ILE A 196 5.31 -2.97 -9.15
CA ILE A 196 5.24 -2.16 -10.36
C ILE A 196 5.28 -0.67 -10.01
N ARG A 197 4.54 -0.28 -8.97
CA ARG A 197 4.42 1.13 -8.63
C ARG A 197 5.77 1.75 -8.34
N ALA A 198 6.67 0.99 -7.71
CA ALA A 198 7.99 1.52 -7.38
C ALA A 198 8.81 1.85 -8.61
N GLY A 199 8.51 1.24 -9.76
CA GLY A 199 9.23 1.49 -10.99
C GLY A 199 8.64 2.57 -11.87
N LEU A 200 7.53 3.17 -11.46
CA LEU A 200 6.78 4.14 -12.23
C LEU A 200 6.96 5.53 -11.63
N PRO A 201 6.80 6.59 -12.42
CA PRO A 201 6.82 7.94 -11.83
C PRO A 201 5.75 8.08 -10.76
N THR A 202 6.09 8.84 -9.72
CA THR A 202 5.19 9.02 -8.58
C THR A 202 3.85 9.65 -8.96
N SER A 203 3.82 10.46 -10.02
CA SER A 203 2.58 11.15 -10.41
C SER A 203 1.54 10.24 -11.04
N TRP A 204 1.91 9.03 -11.45
CA TRP A 204 0.97 8.10 -12.07
C TRP A 204 0.15 7.34 -11.05
N THR A 205 -1.14 7.26 -11.31
CA THR A 205 -2.06 6.53 -10.44
C THR A 205 -2.03 5.07 -10.82
N VAL A 206 -1.97 4.19 -9.84
CA VAL A 206 -1.87 2.76 -10.10
C VAL A 206 -2.96 2.06 -9.31
N GLY A 207 -3.63 1.11 -9.95
CA GLY A 207 -4.35 0.13 -9.17
C GLY A 207 -3.78 -1.22 -9.53
N ASP A 208 -3.50 -2.02 -8.53
CA ASP A 208 -2.73 -3.23 -8.81
C ASP A 208 -3.11 -4.31 -7.81
N LYS A 209 -2.67 -5.52 -8.12
CA LYS A 209 -2.75 -6.65 -7.21
C LYS A 209 -1.45 -7.41 -7.28
N THR A 210 -0.79 -7.55 -6.12
CA THR A 210 0.47 -8.27 -6.03
C THR A 210 0.18 -9.73 -5.72
N GLY A 211 1.21 -10.54 -5.84
CA GLY A 211 1.13 -11.90 -5.35
C GLY A 211 2.50 -12.41 -5.05
N SER A 212 2.55 -13.45 -4.24
CA SER A 212 3.82 -14.11 -4.04
C SER A 212 3.56 -15.56 -3.67
N GLY A 213 4.58 -16.37 -3.85
CA GLY A 213 4.44 -17.77 -3.53
C GLY A 213 5.79 -18.43 -3.38
N ASP A 214 5.74 -19.76 -3.36
CA ASP A 214 6.94 -20.56 -3.29
C ASP A 214 7.81 -20.31 -4.54
N TYR A 215 9.04 -20.84 -4.51
CA TYR A 215 9.98 -20.61 -5.60
C TYR A 215 10.23 -19.12 -5.79
N GLY A 216 10.14 -18.36 -4.70
CA GLY A 216 10.40 -16.94 -4.76
C GLY A 216 9.47 -16.25 -5.72
N THR A 217 8.27 -16.79 -5.90
CA THR A 217 7.38 -16.23 -6.90
C THR A 217 6.89 -14.85 -6.45
N THR A 218 7.02 -13.89 -7.34
CA THR A 218 6.79 -12.48 -7.05
C THR A 218 6.06 -11.88 -8.25
N ASN A 219 4.82 -11.48 -8.05
CA ASN A 219 3.95 -11.11 -9.15
C ASN A 219 3.32 -9.76 -8.86
N ASP A 220 2.94 -9.08 -9.94
CA ASP A 220 2.13 -7.88 -9.84
C ASP A 220 1.41 -7.71 -11.16
N ILE A 221 0.14 -7.29 -11.07
CA ILE A 221 -0.64 -6.93 -12.24
C ILE A 221 -1.28 -5.60 -11.94
N ALA A 222 -1.20 -4.67 -12.89
CA ALA A 222 -1.54 -3.29 -12.61
C ALA A 222 -2.24 -2.69 -13.81
N VAL A 223 -3.21 -1.83 -13.53
CA VAL A 223 -3.70 -0.85 -14.49
C VAL A 223 -3.18 0.51 -14.04
N ILE A 224 -2.50 1.19 -14.97
CA ILE A 224 -1.73 2.39 -14.68
C ILE A 224 -2.36 3.54 -15.43
N TRP A 225 -2.59 4.65 -14.74
CA TRP A 225 -3.04 5.89 -15.36
C TRP A 225 -1.90 6.90 -15.31
N PRO A 226 -1.09 6.98 -16.36
CA PRO A 226 0.00 7.95 -16.39
C PRO A 226 -0.56 9.35 -16.42
N GLN A 227 0.21 10.31 -15.91
CA GLN A 227 -0.25 11.68 -15.97
C GLN A 227 -0.35 12.13 -17.43
N GLY A 228 -1.55 12.55 -17.83
CA GLY A 228 -1.71 13.08 -19.17
C GLY A 228 -1.69 12.09 -20.31
N ARG A 229 -1.85 10.78 -20.04
CA ARG A 229 -1.79 9.80 -21.11
C ARG A 229 -2.89 8.79 -20.89
N ALA A 230 -3.30 8.11 -21.96
CA ALA A 230 -4.24 7.01 -21.81
C ALA A 230 -3.66 5.88 -20.95
N PRO A 231 -4.52 5.07 -20.32
CA PRO A 231 -4.03 4.06 -19.38
C PRO A 231 -3.23 2.94 -20.04
N LEU A 232 -2.41 2.31 -19.20
CA LEU A 232 -1.61 1.14 -19.51
C LEU A 232 -2.10 -0.04 -18.69
N VAL A 233 -1.86 -1.24 -19.19
CA VAL A 233 -2.01 -2.47 -18.40
C VAL A 233 -0.65 -3.14 -18.39
N LEU A 234 -0.17 -3.50 -17.20
CA LEU A 234 1.17 -4.04 -17.05
C LEU A 234 1.12 -5.23 -16.11
N VAL A 235 1.54 -6.39 -16.62
CA VAL A 235 1.65 -7.63 -15.86
C VAL A 235 3.13 -7.96 -15.77
N THR A 236 3.63 -8.13 -14.55
CA THR A 236 5.02 -8.52 -14.31
C THR A 236 5.01 -9.72 -13.37
N TYR A 237 5.38 -10.88 -13.92
CA TYR A 237 5.45 -12.14 -13.21
C TYR A 237 6.91 -12.54 -13.06
N PHE A 238 7.25 -13.13 -11.92
CA PHE A 238 8.65 -13.49 -11.70
C PHE A 238 8.70 -14.73 -10.82
N THR A 239 9.55 -15.68 -11.18
CA THR A 239 9.65 -16.88 -10.37
C THR A 239 11.10 -17.35 -10.49
N GLN A 240 11.55 -18.12 -9.52
CA GLN A 240 12.96 -18.41 -9.34
C GLN A 240 13.15 -19.91 -9.26
N PRO A 241 14.40 -20.39 -9.40
CA PRO A 241 14.58 -21.84 -9.59
C PRO A 241 14.44 -22.67 -8.32
N GLN A 242 14.69 -22.09 -7.15
CA GLN A 242 14.62 -22.87 -5.93
C GLN A 242 13.42 -22.47 -5.08
N GLN A 243 12.87 -23.47 -4.39
CA GLN A 243 11.56 -23.31 -3.75
C GLN A 243 11.59 -22.28 -2.62
N ASN A 244 12.72 -22.18 -1.92
CA ASN A 244 12.85 -21.32 -0.76
C ASN A 244 13.34 -19.91 -1.11
N ALA A 245 13.35 -19.54 -2.39
CA ALA A 245 13.92 -18.26 -2.76
C ALA A 245 13.12 -17.11 -2.16
N GLU A 246 13.82 -16.03 -1.82
CA GLU A 246 13.18 -14.84 -1.27
C GLU A 246 12.43 -14.08 -2.35
N SER A 247 11.44 -13.30 -1.92
CA SER A 247 10.66 -12.50 -2.86
C SER A 247 11.55 -11.47 -3.54
N ARG A 248 11.18 -11.09 -4.77
CA ARG A 248 11.99 -10.14 -5.55
C ARG A 248 11.10 -9.03 -6.15
N ARG A 249 10.47 -8.24 -5.27
CA ARG A 249 9.65 -7.13 -5.77
C ARG A 249 10.48 -6.08 -6.47
N ASP A 250 11.77 -5.97 -6.12
CA ASP A 250 12.65 -5.04 -6.81
C ASP A 250 12.76 -5.39 -8.30
N VAL A 251 12.61 -6.67 -8.64
CA VAL A 251 12.67 -7.07 -10.04
C VAL A 251 11.44 -6.58 -10.77
N LEU A 252 10.28 -6.64 -10.11
CA LEU A 252 9.07 -6.11 -10.71
C LEU A 252 9.18 -4.61 -10.89
N ALA A 253 9.74 -3.92 -9.88
CA ALA A 253 9.96 -2.48 -10.00
C ALA A 253 10.90 -2.16 -11.16
N SER A 254 11.97 -2.96 -11.32
CA SER A 254 12.93 -2.73 -12.40
C SER A 254 12.27 -2.95 -13.76
N ALA A 255 11.43 -3.98 -13.86
CA ALA A 255 10.73 -4.22 -15.11
C ALA A 255 9.81 -3.06 -15.42
N ALA A 256 9.13 -2.54 -14.39
CA ALA A 256 8.27 -1.38 -14.58
C ALA A 256 9.08 -0.16 -14.99
N ARG A 257 10.31 -0.04 -14.47
CA ARG A 257 11.11 1.12 -14.88
C ARG A 257 11.51 1.02 -16.34
N ILE A 258 11.90 -0.19 -16.77
CA ILE A 258 12.24 -0.42 -18.18
C ILE A 258 11.04 -0.17 -19.11
N ILE A 259 9.87 -0.67 -18.72
CA ILE A 259 8.66 -0.47 -19.51
C ILE A 259 8.28 1.00 -19.57
N ALA A 260 8.36 1.67 -18.43
CA ALA A 260 8.01 3.07 -18.30
C ALA A 260 8.92 3.95 -19.13
N GLU A 261 10.19 3.58 -19.25
CA GLU A 261 11.11 4.44 -19.96
C GLU A 261 10.90 4.41 -21.46
N GLY A 262 10.23 3.39 -22.01
CA GLY A 262 10.06 3.45 -23.45
C GLY A 262 8.78 4.15 -23.85
N LEU A 263 7.89 4.37 -22.88
CA LEU A 263 6.61 5.06 -23.07
C LEU A 263 6.75 6.54 -23.39
N GLN B 1 24.15 4.24 26.00
CA GLN B 1 24.22 2.78 25.98
C GLN B 1 23.94 2.22 24.60
N THR B 2 24.96 2.19 23.75
CA THR B 2 24.78 1.63 22.42
C THR B 2 24.57 0.12 22.54
N SER B 3 23.34 -0.32 22.32
CA SER B 3 23.02 -1.74 22.29
C SER B 3 23.34 -2.31 20.91
N ALA B 4 23.10 -3.61 20.73
CA ALA B 4 23.44 -4.25 19.47
C ALA B 4 22.62 -3.64 18.33
N VAL B 5 21.33 -3.41 18.59
CA VAL B 5 20.44 -2.94 17.53
C VAL B 5 20.89 -1.55 17.09
N GLN B 6 21.26 -0.71 18.06
CA GLN B 6 21.77 0.62 17.74
C GLN B 6 23.04 0.56 16.91
N GLN B 7 23.93 -0.40 17.20
CA GLN B 7 25.16 -0.50 16.41
C GLN B 7 24.87 -0.96 14.99
N LYS B 8 23.95 -1.91 14.83
CA LYS B 8 23.51 -2.32 13.50
C LYS B 8 22.87 -1.15 12.75
N LEU B 9 22.10 -0.32 13.45
CA LEU B 9 21.50 0.85 12.81
C LEU B 9 22.57 1.86 12.43
N ALA B 10 23.59 2.03 13.28
CA ALA B 10 24.68 2.94 12.93
C ALA B 10 25.40 2.45 11.68
N ALA B 11 25.62 1.13 11.57
CA ALA B 11 26.27 0.60 10.39
C ALA B 11 25.41 0.81 9.15
N LEU B 12 24.09 0.58 9.27
CA LEU B 12 23.17 0.85 8.18
C LEU B 12 23.24 2.33 7.77
N GLU B 13 23.23 3.23 8.75
CA GLU B 13 23.27 4.66 8.45
C GLU B 13 24.57 5.03 7.75
N LYS B 14 25.70 4.50 8.22
CA LYS B 14 26.99 4.79 7.61
C LYS B 14 27.01 4.33 6.15
N SER B 15 26.51 3.13 5.88
CA SER B 15 26.45 2.63 4.51
C SER B 15 25.54 3.49 3.64
N SER B 16 24.43 3.96 4.21
CA SER B 16 23.41 4.67 3.46
C SER B 16 23.88 6.04 3.00
N GLY B 17 24.86 6.64 3.68
CA GLY B 17 25.30 7.99 3.39
C GLY B 17 24.42 9.08 3.93
N GLY B 18 23.33 8.75 4.61
CA GLY B 18 22.46 9.79 5.10
C GLY B 18 22.40 9.80 6.62
N ARG B 19 21.30 10.33 7.15
CA ARG B 19 21.05 10.44 8.58
C ARG B 19 19.75 9.71 8.90
N LEU B 20 19.85 8.73 9.80
CA LEU B 20 18.76 7.82 10.12
C LEU B 20 18.30 8.10 11.54
N GLY B 21 16.99 8.22 11.73
CA GLY B 21 16.40 8.32 13.05
C GLY B 21 15.36 7.24 13.26
N VAL B 22 15.44 6.51 14.36
CA VAL B 22 14.56 5.38 14.64
C VAL B 22 14.05 5.51 16.06
N ALA B 23 12.74 5.32 16.25
CA ALA B 23 12.19 5.16 17.61
C ALA B 23 11.15 4.06 17.60
N LEU B 24 11.36 3.06 18.45
CA LEU B 24 10.42 1.98 18.66
C LEU B 24 9.89 2.07 20.08
N ILE B 25 8.59 1.88 20.23
CA ILE B 25 7.97 1.61 21.52
C ILE B 25 7.32 0.24 21.46
N ASP B 26 7.71 -0.64 22.38
CA ASP B 26 7.10 -1.94 22.54
C ASP B 26 6.11 -1.85 23.69
N THR B 27 4.81 -1.87 23.35
CA THR B 27 3.72 -1.73 24.31
C THR B 27 3.46 -3.00 25.10
N ALA B 28 4.19 -4.08 24.79
CA ALA B 28 4.12 -5.27 25.62
C ALA B 28 4.63 -4.96 27.01
N ASP B 29 5.60 -4.07 27.08
CA ASP B 29 6.26 -3.73 28.34
C ASP B 29 6.68 -2.27 28.35
N ASN B 30 6.26 -1.45 27.37
CA ASN B 30 6.59 -0.03 27.28
C ASN B 30 8.07 0.23 27.13
N THR B 31 8.83 -0.74 26.63
CA THR B 31 10.24 -0.42 26.40
C THR B 31 10.42 0.37 25.11
N GLN B 32 11.58 0.99 24.99
N GLN B 32 11.59 0.99 24.97
CA GLN B 32 11.89 1.85 23.86
CA GLN B 32 11.86 1.87 23.85
C GLN B 32 13.25 1.50 23.29
C GLN B 32 13.25 1.63 23.30
N VAL B 33 13.36 1.64 21.97
CA VAL B 33 14.63 1.55 21.26
C VAL B 33 14.79 2.87 20.51
N LEU B 34 15.90 3.57 20.75
CA LEU B 34 16.12 4.88 20.16
C LEU B 34 17.46 4.97 19.43
N TYR B 35 17.41 5.53 18.22
CA TYR B 35 18.59 5.85 17.41
C TYR B 35 18.40 7.25 16.88
N ARG B 36 19.23 8.18 17.34
CA ARG B 36 19.04 9.60 17.07
C ARG B 36 17.62 10.02 17.45
N GLY B 37 17.13 9.46 18.55
CA GLY B 37 15.74 9.63 18.93
C GLY B 37 15.34 11.05 19.27
N ASP B 38 16.30 11.90 19.63
CA ASP B 38 16.02 13.29 19.98
C ASP B 38 16.53 14.28 18.96
N GLU B 39 16.99 13.82 17.80
CA GLU B 39 17.35 14.72 16.71
C GLU B 39 16.10 15.04 15.90
N ARG B 40 16.03 16.26 15.39
CA ARG B 40 14.89 16.64 14.55
C ARG B 40 15.04 16.13 13.13
N PHE B 41 13.92 15.72 12.55
CA PHE B 41 13.83 15.28 11.17
C PHE B 41 12.61 15.93 10.54
N PRO B 42 12.67 16.22 9.23
CA PRO B 42 11.48 16.70 8.51
C PRO B 42 10.45 15.58 8.43
N MET B 43 9.24 15.87 8.89
CA MET B 43 8.22 14.83 8.89
C MET B 43 7.65 14.56 7.51
N CYS B 44 7.63 15.58 6.65
CA CYS B 44 6.95 15.53 5.36
C CYS B 44 5.54 14.96 5.55
N SER B 45 5.10 14.03 4.69
CA SER B 45 3.71 13.57 4.70
C SER B 45 3.32 12.85 5.98
N THR B 46 4.27 12.42 6.81
CA THR B 46 3.86 11.76 8.04
C THR B 46 3.16 12.73 8.98
N SER B 47 3.34 14.04 8.77
CA SER B 47 2.62 15.00 9.60
C SER B 47 1.13 14.91 9.37
N LYS B 48 0.72 14.36 8.22
CA LYS B 48 -0.70 14.22 7.92
C LYS B 48 -1.41 13.44 9.02
N VAL B 49 -0.75 12.44 9.61
CA VAL B 49 -1.39 11.71 10.69
C VAL B 49 -1.92 12.67 11.74
N MET B 50 -1.02 13.51 12.27
CA MET B 50 -1.43 14.48 13.28
C MET B 50 -2.63 15.29 12.81
N ALA B 51 -2.57 15.84 11.59
CA ALA B 51 -3.65 16.70 11.14
C ALA B 51 -4.97 15.94 11.11
N ALA B 52 -4.96 14.72 10.60
CA ALA B 52 -6.18 13.92 10.58
C ALA B 52 -6.67 13.63 11.99
N ALA B 53 -5.74 13.32 12.90
CA ALA B 53 -6.16 13.08 14.28
C ALA B 53 -6.81 14.32 14.86
N ALA B 54 -6.29 15.49 14.50
CA ALA B 54 -6.84 16.72 15.06
C ALA B 54 -8.27 16.93 14.57
N VAL B 55 -8.54 16.58 13.32
CA VAL B 55 -9.90 16.69 12.83
C VAL B 55 -10.77 15.65 13.53
N LEU B 56 -10.23 14.45 13.73
CA LEU B 56 -10.96 13.45 14.51
C LEU B 56 -11.29 13.98 15.90
N LYS B 57 -10.33 14.65 16.55
CA LYS B 57 -10.61 15.18 17.87
C LYS B 57 -11.76 16.20 17.82
N GLN B 58 -11.76 17.06 16.80
CA GLN B 58 -12.86 18.01 16.64
C GLN B 58 -14.19 17.29 16.50
N SER B 59 -14.18 16.15 15.79
CA SER B 59 -15.39 15.42 15.53
C SER B 59 -15.93 14.71 16.77
N GLU B 60 -15.16 14.68 17.87
CA GLU B 60 -15.72 14.11 19.10
C GLU B 60 -16.87 14.94 19.66
N THR B 61 -16.92 16.24 19.37
CA THR B 61 -17.98 17.09 19.84
C THR B 61 -18.81 17.68 18.70
N GLN B 62 -18.58 17.24 17.47
CA GLN B 62 -19.48 17.48 16.32
C GLN B 62 -19.77 16.24 15.48
N LYS B 63 -20.85 15.53 15.79
CA LYS B 63 -21.05 14.18 15.30
C LYS B 63 -21.16 14.15 13.78
N GLN B 64 -21.49 15.27 13.15
CA GLN B 64 -21.53 15.36 11.71
C GLN B 64 -20.35 16.11 11.11
N LEU B 65 -19.27 16.33 11.89
CA LEU B 65 -18.15 17.10 11.33
C LEU B 65 -17.45 16.35 10.21
N LEU B 66 -17.26 15.04 10.37
CA LEU B 66 -16.51 14.30 9.36
C LEU B 66 -17.30 14.22 8.07
N ASN B 67 -18.58 14.52 8.14
CA ASN B 67 -19.51 14.55 7.03
C ASN B 67 -19.64 15.94 6.39
N GLN B 68 -18.91 16.94 6.89
CA GLN B 68 -19.04 18.30 6.41
C GLN B 68 -18.37 18.48 5.05
N PRO B 69 -19.08 18.97 4.04
CA PRO B 69 -18.46 19.12 2.71
C PRO B 69 -17.52 20.31 2.68
N VAL B 70 -16.44 20.14 1.91
CA VAL B 70 -15.40 21.15 1.73
C VAL B 70 -15.21 21.31 0.23
N GLU B 71 -15.31 22.53 -0.26
CA GLU B 71 -15.19 22.77 -1.69
C GLU B 71 -13.74 22.64 -2.14
N ILE B 72 -13.55 22.01 -3.29
CA ILE B 72 -12.24 21.83 -3.91
C ILE B 72 -12.20 22.74 -5.13
N LYS B 73 -11.40 23.76 -5.07
CA LYS B 73 -11.31 24.64 -6.23
C LYS B 73 -10.06 24.32 -7.04
N PRO B 74 -10.08 24.61 -8.34
CA PRO B 74 -8.88 24.36 -9.16
C PRO B 74 -7.63 24.96 -8.56
N ALA B 75 -7.73 26.14 -7.95
CA ALA B 75 -6.56 26.78 -7.35
C ALA B 75 -6.06 26.07 -6.10
N ASP B 76 -6.86 25.18 -5.52
CA ASP B 76 -6.44 24.43 -4.33
C ASP B 76 -5.42 23.34 -4.63
N LEU B 77 -5.31 22.88 -5.88
CA LEU B 77 -4.43 21.77 -6.18
C LEU B 77 -2.98 22.17 -6.00
N VAL B 78 -2.20 21.29 -5.38
CA VAL B 78 -0.77 21.54 -5.19
C VAL B 78 0.03 20.51 -5.98
N ASN B 79 1.03 19.88 -5.35
CA ASN B 79 1.98 19.10 -6.13
C ASN B 79 1.61 17.63 -6.25
N TYR B 80 0.64 17.14 -5.46
CA TYR B 80 0.31 15.71 -5.49
C TYR B 80 -1.09 15.55 -4.91
N ASN B 81 -2.07 15.40 -5.80
CA ASN B 81 -3.48 15.48 -5.46
C ASN B 81 -4.26 14.39 -6.17
N PRO B 82 -3.86 13.11 -6.06
CA PRO B 82 -4.47 12.08 -6.90
C PRO B 82 -5.96 11.93 -6.70
N ILE B 83 -6.47 12.24 -5.51
CA ILE B 83 -7.90 12.18 -5.23
C ILE B 83 -8.56 13.54 -5.39
N ALA B 84 -7.94 14.59 -4.86
CA ALA B 84 -8.61 15.88 -4.84
C ALA B 84 -8.82 16.41 -6.25
N GLU B 85 -7.94 16.06 -7.19
CA GLU B 85 -8.13 16.53 -8.56
C GLU B 85 -9.40 15.96 -9.19
N LYS B 86 -9.88 14.81 -8.71
CA LYS B 86 -11.14 14.26 -9.17
C LYS B 86 -12.34 15.06 -8.68
N HIS B 87 -12.17 15.89 -7.66
CA HIS B 87 -13.28 16.59 -7.03
C HIS B 87 -13.17 18.11 -7.12
N VAL B 88 -12.23 18.62 -7.91
CA VAL B 88 -12.18 20.07 -8.12
C VAL B 88 -13.47 20.53 -8.77
N ASN B 89 -13.88 21.76 -8.44
CA ASN B 89 -15.22 22.28 -8.75
C ASN B 89 -16.29 21.38 -8.17
N GLY B 90 -15.96 20.64 -7.12
CA GLY B 90 -16.92 19.87 -6.38
C GLY B 90 -16.56 19.93 -4.92
N THR B 91 -16.99 18.96 -4.13
CA THR B 91 -16.69 18.93 -2.71
C THR B 91 -16.17 17.55 -2.31
N MET B 92 -15.43 17.51 -1.22
CA MET B 92 -15.24 16.25 -0.52
C MET B 92 -15.52 16.47 0.95
N THR B 93 -15.92 15.42 1.65
CA THR B 93 -16.19 15.54 3.07
C THR B 93 -14.88 15.49 3.87
N LEU B 94 -14.95 15.93 5.12
CA LEU B 94 -13.75 15.86 5.96
C LEU B 94 -13.31 14.42 6.18
N ALA B 95 -14.26 13.48 6.18
CA ALA B 95 -13.89 12.07 6.17
C ALA B 95 -13.12 11.70 4.91
N GLU B 96 -13.63 12.11 3.73
CA GLU B 96 -12.93 11.84 2.49
C GLU B 96 -11.58 12.54 2.44
N LEU B 97 -11.48 13.76 2.97
CA LEU B 97 -10.20 14.44 2.95
C LEU B 97 -9.22 13.74 3.88
N SER B 98 -9.69 13.28 5.03
CA SER B 98 -8.81 12.55 5.95
C SER B 98 -8.34 11.24 5.33
N ALA B 99 -9.26 10.52 4.69
CA ALA B 99 -8.87 9.26 4.06
C ALA B 99 -7.92 9.49 2.90
N ALA B 100 -8.14 10.53 2.10
CA ALA B 100 -7.22 10.81 0.98
C ALA B 100 -5.84 11.19 1.49
N ALA B 101 -5.80 12.04 2.53
CA ALA B 101 -4.53 12.43 3.14
C ALA B 101 -3.78 11.22 3.69
N LEU B 102 -4.47 10.35 4.45
CA LEU B 102 -3.74 9.28 5.11
C LEU B 102 -3.39 8.16 4.14
N GLN B 103 -4.35 7.70 3.35
CA GLN B 103 -4.16 6.49 2.58
C GLN B 103 -3.54 6.73 1.21
N TYR B 104 -3.71 7.93 0.64
CA TYR B 104 -3.11 8.23 -0.64
C TYR B 104 -2.10 9.36 -0.57
N SER B 105 -1.88 9.93 0.61
CA SER B 105 -0.96 11.04 0.79
C SER B 105 -1.30 12.17 -0.18
N ASP B 106 -2.60 12.47 -0.27
CA ASP B 106 -3.08 13.55 -1.11
C ASP B 106 -2.74 14.86 -0.42
N ASN B 107 -1.95 15.69 -1.09
CA ASN B 107 -1.46 16.91 -0.47
C ASN B 107 -2.53 18.00 -0.39
N THR B 108 -3.47 18.04 -1.33
CA THR B 108 -4.58 18.98 -1.24
C THR B 108 -5.49 18.63 -0.08
N ALA B 109 -5.71 17.34 0.14
CA ALA B 109 -6.51 16.91 1.28
C ALA B 109 -5.83 17.35 2.58
N MET B 110 -4.52 17.12 2.68
CA MET B 110 -3.75 17.70 3.76
C MET B 110 -4.04 19.18 3.95
N ASN B 111 -4.01 19.96 2.86
CA ASN B 111 -4.21 21.39 3.04
C ASN B 111 -5.62 21.71 3.52
N LYS B 112 -6.61 20.93 3.10
CA LYS B 112 -7.97 21.13 3.61
C LYS B 112 -8.08 20.78 5.09
N LEU B 113 -7.37 19.73 5.53
CA LEU B 113 -7.39 19.38 6.95
C LEU B 113 -6.73 20.48 7.76
N ILE B 114 -5.59 20.95 7.28
CA ILE B 114 -4.88 22.05 7.91
C ILE B 114 -5.78 23.28 8.02
N ALA B 115 -6.51 23.58 6.95
CA ALA B 115 -7.37 24.77 6.97
C ALA B 115 -8.52 24.61 7.96
N GLN B 116 -9.09 23.40 8.04
CA GLN B 116 -10.13 23.12 9.03
C GLN B 116 -9.67 23.40 10.45
N LEU B 117 -8.38 23.20 10.73
CA LEU B 117 -7.83 23.42 12.05
C LEU B 117 -7.35 24.86 12.27
N GLY B 118 -7.50 25.73 11.27
CA GLY B 118 -7.10 27.11 11.42
C GLY B 118 -5.67 27.43 11.08
N GLY B 119 -4.96 26.54 10.38
CA GLY B 119 -3.57 26.79 10.01
C GLY B 119 -2.63 25.78 10.65
N PRO B 120 -1.36 25.78 10.23
CA PRO B 120 -0.40 24.84 10.80
C PRO B 120 -0.34 24.88 12.31
N GLY B 121 -0.50 26.09 12.85
CA GLY B 121 -0.47 26.24 14.29
C GLY B 121 -1.60 25.52 14.99
N GLY B 122 -2.72 25.31 14.30
CA GLY B 122 -3.78 24.50 14.92
C GLY B 122 -3.41 23.03 15.03
N VAL B 123 -2.66 22.52 14.06
CA VAL B 123 -2.14 21.16 14.17
C VAL B 123 -1.13 21.08 15.29
N THR B 124 -0.24 22.08 15.37
CA THR B 124 0.71 22.10 16.47
C THR B 124 -0.02 22.20 17.81
N ALA B 125 -1.09 23.01 17.88
CA ALA B 125 -1.84 23.15 19.12
C ALA B 125 -2.46 21.83 19.53
N PHE B 126 -2.97 21.06 18.56
CA PHE B 126 -3.51 19.74 18.90
C PHE B 126 -2.41 18.83 19.44
N ALA B 127 -1.25 18.85 18.78
CA ALA B 127 -0.10 18.10 19.27
C ALA B 127 0.22 18.46 20.71
N ARG B 128 0.25 19.76 21.02
CA ARG B 128 0.52 20.19 22.38
C ARG B 128 -0.57 19.70 23.33
N ALA B 129 -1.81 19.72 22.87
CA ALA B 129 -2.95 19.33 23.70
C ALA B 129 -2.88 17.84 24.06
N ILE B 130 -2.27 17.03 23.21
CA ILE B 130 -2.14 15.61 23.49
C ILE B 130 -0.76 15.26 24.05
N GLY B 131 0.02 16.26 24.45
CA GLY B 131 1.26 16.04 25.16
C GLY B 131 2.51 15.94 24.31
N ASP B 132 2.43 16.23 23.01
CA ASP B 132 3.61 16.25 22.14
C ASP B 132 4.17 17.65 22.15
N GLU B 133 5.23 17.86 22.91
CA GLU B 133 5.84 19.17 23.03
C GLU B 133 6.89 19.45 21.96
N THR B 134 7.14 18.48 21.08
CA THR B 134 8.20 18.55 20.10
C THR B 134 7.69 18.82 18.69
N PHE B 135 6.65 18.11 18.25
CA PHE B 135 6.06 18.34 16.94
C PHE B 135 5.78 19.82 16.71
N ARG B 136 6.12 20.30 15.52
CA ARG B 136 5.69 21.61 15.07
C ARG B 136 5.35 21.52 13.58
N LEU B 137 4.17 22.01 13.22
CA LEU B 137 3.81 22.23 11.84
C LEU B 137 3.79 23.73 11.59
N ASP B 138 4.50 24.15 10.57
CA ASP B 138 4.72 25.56 10.29
C ASP B 138 4.15 26.00 8.96
N ARG B 139 4.04 25.09 8.01
CA ARG B 139 3.68 25.42 6.65
C ARG B 139 2.61 24.48 6.13
N THR B 140 1.99 24.90 5.02
CA THR B 140 1.03 24.09 4.29
C THR B 140 1.76 23.23 3.26
N GLU B 141 1.01 22.39 2.56
CA GLU B 141 1.54 21.68 1.42
C GLU B 141 1.67 22.64 0.23
N PRO B 142 2.74 22.58 -0.57
CA PRO B 142 3.86 21.61 -0.55
C PRO B 142 5.12 22.10 0.14
N THR B 143 5.17 23.34 0.64
CA THR B 143 6.46 23.83 1.13
C THR B 143 6.93 23.19 2.43
N LEU B 144 6.06 22.51 3.17
CA LEU B 144 6.55 21.85 4.38
C LEU B 144 7.47 20.68 4.06
N ASN B 145 7.62 20.32 2.79
CA ASN B 145 8.47 19.19 2.40
C ASN B 145 9.85 19.62 1.93
N THR B 146 10.24 20.88 2.19
CA THR B 146 11.53 21.33 1.68
C THR B 146 12.66 20.61 2.39
N ALA B 147 12.43 20.20 3.64
CA ALA B 147 13.31 19.28 4.36
C ALA B 147 14.77 19.76 4.40
N ILE B 148 14.96 21.05 4.60
CA ILE B 148 16.33 21.60 4.57
C ILE B 148 17.05 21.21 5.86
N PRO B 149 18.27 20.69 5.78
CA PRO B 149 19.03 20.33 6.98
C PRO B 149 19.22 21.53 7.90
N GLY B 150 18.94 21.33 9.18
CA GLY B 150 19.08 22.40 10.14
C GLY B 150 17.83 23.24 10.29
N ASP B 151 16.84 23.06 9.41
CA ASP B 151 15.64 23.86 9.44
C ASP B 151 14.67 23.22 10.42
N PRO B 152 14.25 23.91 11.48
CA PRO B 152 13.35 23.27 12.45
C PRO B 152 11.90 23.27 12.04
N ARG B 153 11.52 24.00 10.99
CA ARG B 153 10.11 24.05 10.62
C ARG B 153 9.65 22.66 10.19
N ASP B 154 8.43 22.29 10.57
CA ASP B 154 7.81 21.05 10.12
C ASP B 154 8.68 19.83 10.43
N THR B 155 9.20 19.78 11.65
CA THR B 155 10.04 18.67 12.05
C THR B 155 9.48 18.07 13.33
N THR B 156 9.92 16.85 13.61
CA THR B 156 9.78 16.30 14.95
C THR B 156 10.94 15.36 15.21
N THR B 157 10.96 14.77 16.39
CA THR B 157 11.95 13.76 16.68
C THR B 157 11.33 12.39 16.59
N PRO B 158 12.13 11.35 16.34
CA PRO B 158 11.55 10.00 16.35
C PRO B 158 10.88 9.65 17.66
N ARG B 159 11.48 10.01 18.80
CA ARG B 159 10.90 9.67 20.10
C ARG B 159 9.52 10.30 20.26
N ALA B 160 9.43 11.60 19.98
CA ALA B 160 8.17 12.31 20.17
C ALA B 160 7.10 11.77 19.24
N MET B 161 7.46 11.52 17.98
CA MET B 161 6.46 11.03 17.05
C MET B 161 6.01 9.62 17.41
N ALA B 162 6.92 8.78 17.93
CA ALA B 162 6.50 7.45 18.35
C ALA B 162 5.55 7.53 19.52
N GLN B 163 5.87 8.37 20.52
CA GLN B 163 4.95 8.55 21.65
C GLN B 163 3.59 9.04 21.17
N THR B 164 3.58 10.03 20.27
CA THR B 164 2.31 10.59 19.83
C THR B 164 1.51 9.58 19.04
N LEU B 165 2.18 8.82 18.17
CA LEU B 165 1.48 7.83 17.38
C LEU B 165 0.88 6.75 18.27
N ARG B 166 1.60 6.39 19.34
CA ARG B 166 1.05 5.44 20.30
C ARG B 166 -0.20 6.00 20.96
N GLN B 167 -0.14 7.25 21.44
CA GLN B 167 -1.32 7.83 22.08
C GLN B 167 -2.50 7.89 21.14
N LEU B 168 -2.24 8.18 19.86
CA LEU B 168 -3.32 8.39 18.91
C LEU B 168 -3.97 7.06 18.52
N THR B 169 -3.16 6.02 18.31
CA THR B 169 -3.67 4.77 17.76
C THR B 169 -3.94 3.71 18.81
N LEU B 170 -3.23 3.72 19.94
CA LEU B 170 -3.38 2.71 20.95
C LEU B 170 -3.84 3.25 22.29
N GLY B 171 -3.64 4.53 22.54
CA GLY B 171 -4.02 5.13 23.80
C GLY B 171 -5.33 5.88 23.68
N HIS B 172 -5.43 6.97 24.42
CA HIS B 172 -6.72 7.62 24.60
C HIS B 172 -6.65 9.11 24.31
N ALA B 173 -5.76 9.49 23.37
CA ALA B 173 -5.74 10.87 22.91
C ALA B 173 -7.01 11.19 22.14
N LEU B 174 -7.61 10.18 21.50
CA LEU B 174 -8.86 10.30 20.75
C LEU B 174 -9.92 9.45 21.44
N GLY B 175 -11.18 9.81 21.24
CA GLY B 175 -12.27 8.95 21.65
C GLY B 175 -12.24 7.61 20.93
N GLU B 176 -12.88 6.62 21.55
CA GLU B 176 -12.75 5.24 21.11
C GLU B 176 -13.10 5.11 19.62
N THR B 177 -14.23 5.71 19.22
CA THR B 177 -14.65 5.63 17.83
C THR B 177 -13.66 6.33 16.92
N GLN B 178 -13.09 7.45 17.39
CA GLN B 178 -12.16 8.23 16.58
C GLN B 178 -10.81 7.53 16.49
N ARG B 179 -10.34 6.97 17.60
CA ARG B 179 -9.15 6.12 17.56
C ARG B 179 -9.34 4.97 16.57
N ALA B 180 -10.52 4.34 16.58
CA ALA B 180 -10.74 3.22 15.66
C ALA B 180 -10.74 3.69 14.22
N GLN B 181 -11.33 4.87 13.95
CA GLN B 181 -11.31 5.38 12.58
C GLN B 181 -9.89 5.70 12.13
N LEU B 182 -9.08 6.29 13.02
CA LEU B 182 -7.70 6.58 12.66
C LEU B 182 -6.93 5.31 12.35
N VAL B 183 -7.13 4.27 13.17
CA VAL B 183 -6.42 3.01 12.95
C VAL B 183 -6.88 2.37 11.66
N THR B 184 -8.19 2.40 11.40
CA THR B 184 -8.73 1.91 10.14
C THR B 184 -8.10 2.61 8.95
N TRP B 185 -7.97 3.93 9.03
CA TRP B 185 -7.36 4.67 7.94
C TRP B 185 -5.90 4.27 7.74
N LEU B 186 -5.13 4.24 8.84
CA LEU B 186 -3.72 3.88 8.72
C LEU B 186 -3.54 2.49 8.14
N LYS B 187 -4.37 1.52 8.56
CA LYS B 187 -4.25 0.18 8.01
C LYS B 187 -4.58 0.12 6.53
N GLY B 188 -5.34 1.08 6.03
CA GLY B 188 -5.66 1.12 4.61
C GLY B 188 -4.72 1.93 3.77
N ASN B 189 -3.57 2.34 4.32
CA ASN B 189 -2.58 3.07 3.55
C ASN B 189 -2.20 2.30 2.30
N THR B 190 -2.06 3.04 1.20
CA THR B 190 -1.66 2.44 -0.06
C THR B 190 -0.16 2.55 -0.34
N THR B 191 0.57 3.33 0.44
CA THR B 191 1.91 3.77 0.05
C THR B 191 3.04 3.11 0.82
N GLY B 192 2.75 2.16 1.70
CA GLY B 192 3.73 1.76 2.69
C GLY B 192 4.46 0.46 2.45
N ALA B 193 4.15 -0.27 1.37
CA ALA B 193 4.65 -1.64 1.28
C ALA B 193 6.15 -1.72 1.06
N ALA B 194 6.79 -0.62 0.66
CA ALA B 194 8.23 -0.63 0.42
C ALA B 194 9.05 -0.11 1.60
N SER B 195 8.39 0.30 2.69
CA SER B 195 9.10 0.99 3.77
C SER B 195 9.20 0.06 4.97
N ILE B 196 8.71 0.51 6.14
CA ILE B 196 8.77 -0.32 7.36
C ILE B 196 8.20 -1.71 7.10
N ARG B 197 7.05 -1.79 6.41
CA ARG B 197 6.42 -3.07 6.13
C ARG B 197 7.35 -4.03 5.42
N ALA B 198 8.19 -3.52 4.51
CA ALA B 198 9.11 -4.37 3.77
C ALA B 198 10.19 -4.99 4.67
N GLY B 199 10.43 -4.41 5.85
CA GLY B 199 11.42 -4.93 6.76
C GLY B 199 10.86 -5.84 7.85
N LEU B 200 9.57 -6.12 7.83
CA LEU B 200 8.86 -6.87 8.86
C LEU B 200 8.38 -8.19 8.28
N PRO B 201 8.14 -9.20 9.12
CA PRO B 201 7.56 -10.44 8.61
C PRO B 201 6.22 -10.14 7.96
N THR B 202 5.92 -10.91 6.90
CA THR B 202 4.68 -10.72 6.15
C THR B 202 3.43 -10.89 7.03
N SER B 203 3.47 -11.77 8.02
CA SER B 203 2.31 -12.08 8.85
C SER B 203 1.92 -10.95 9.81
N TRP B 204 2.75 -9.93 9.98
CA TRP B 204 2.44 -8.84 10.90
C TRP B 204 1.57 -7.78 10.25
N THR B 205 0.52 -7.36 10.95
CA THR B 205 -0.37 -6.34 10.41
C THR B 205 0.22 -4.97 10.70
N VAL B 206 0.13 -4.08 9.73
CA VAL B 206 0.74 -2.75 9.81
C VAL B 206 -0.27 -1.71 9.38
N GLY B 207 -0.38 -0.63 10.15
CA GLY B 207 -0.94 0.61 9.65
C GLY B 207 0.16 1.65 9.72
N ASP B 208 0.29 2.44 8.65
CA ASP B 208 1.44 3.31 8.55
C ASP B 208 1.13 4.53 7.71
N LYS B 209 2.02 5.52 7.79
CA LYS B 209 2.01 6.68 6.91
C LYS B 209 3.44 7.00 6.50
N THR B 210 3.67 7.03 5.20
CA THR B 210 4.97 7.33 4.61
C THR B 210 5.11 8.83 4.39
N GLY B 211 6.33 9.23 4.08
CA GLY B 211 6.57 10.59 3.63
C GLY B 211 7.85 10.66 2.84
N SER B 212 7.93 11.66 1.97
CA SER B 212 9.13 11.85 1.17
C SER B 212 9.29 13.34 0.94
N GLY B 213 10.52 13.78 0.78
CA GLY B 213 10.74 15.16 0.46
C GLY B 213 12.08 15.39 -0.18
N ASP B 214 12.43 16.66 -0.26
CA ASP B 214 13.75 17.03 -0.73
C ASP B 214 14.82 16.52 0.22
N TYR B 215 16.06 16.67 -0.21
CA TYR B 215 17.20 16.11 0.48
C TYR B 215 17.01 14.60 0.66
N GLY B 216 16.35 13.98 -0.32
CA GLY B 216 16.15 12.54 -0.30
C GLY B 216 15.45 12.08 0.96
N THR B 217 14.59 12.92 1.52
CA THR B 217 13.92 12.57 2.77
C THR B 217 12.92 11.44 2.56
N THR B 218 13.05 10.41 3.39
CA THR B 218 12.26 9.20 3.28
C THR B 218 11.85 8.82 4.69
N ASN B 219 10.55 8.85 4.95
CA ASN B 219 10.03 8.71 6.30
C ASN B 219 8.94 7.67 6.29
N ASP B 220 8.70 7.08 7.46
CA ASP B 220 7.58 6.18 7.68
C ASP B 220 7.32 6.12 9.18
N ILE B 221 6.05 6.13 9.54
CA ILE B 221 5.62 5.93 10.92
C ILE B 221 4.53 4.87 10.93
N ALA B 222 4.64 3.93 11.86
CA ALA B 222 3.80 2.76 11.77
C ALA B 222 3.38 2.32 13.15
N VAL B 223 2.16 1.83 13.24
CA VAL B 223 1.69 0.98 14.34
C VAL B 223 1.62 -0.44 13.79
N ILE B 224 2.09 -1.38 14.59
CA ILE B 224 2.39 -2.73 14.13
C ILE B 224 1.74 -3.72 15.09
N TRP B 225 0.98 -4.67 14.55
CA TRP B 225 0.40 -5.74 15.36
C TRP B 225 1.16 -6.99 14.95
N PRO B 226 2.24 -7.34 15.65
CA PRO B 226 2.97 -8.57 15.33
C PRO B 226 2.16 -9.79 15.74
N GLN B 227 2.38 -10.89 15.01
CA GLN B 227 1.66 -12.12 15.34
C GLN B 227 1.98 -12.56 16.76
N GLY B 228 0.96 -12.67 17.59
CA GLY B 228 1.12 -13.24 18.91
C GLY B 228 1.62 -12.34 20.02
N ARG B 229 1.69 -11.02 19.81
CA ARG B 229 2.23 -10.18 20.86
C ARG B 229 1.63 -8.78 20.75
N ALA B 230 1.90 -7.96 21.76
CA ALA B 230 1.32 -6.63 21.89
C ALA B 230 1.85 -5.73 20.78
N PRO B 231 1.10 -4.69 20.42
CA PRO B 231 1.52 -3.85 19.30
C PRO B 231 2.78 -3.05 19.60
N LEU B 232 3.45 -2.69 18.51
CA LEU B 232 4.60 -1.80 18.48
C LEU B 232 4.25 -0.50 17.80
N VAL B 233 5.03 0.53 18.13
CA VAL B 233 5.06 1.78 17.36
C VAL B 233 6.48 1.95 16.87
N LEU B 234 6.64 2.22 15.58
CA LEU B 234 7.96 2.33 14.97
C LEU B 234 8.00 3.55 14.06
N VAL B 235 8.95 4.44 14.32
CA VAL B 235 9.18 5.63 13.51
C VAL B 235 10.56 5.50 12.88
N THR B 236 10.62 5.55 11.55
CA THR B 236 11.88 5.54 10.81
C THR B 236 11.91 6.78 9.93
N TYR B 237 12.81 7.70 10.24
CA TYR B 237 13.03 8.92 9.48
C TYR B 237 14.39 8.82 8.81
N PHE B 238 14.53 9.36 7.61
CA PHE B 238 15.81 9.30 6.92
C PHE B 238 15.94 10.53 6.05
N THR B 239 17.13 11.16 6.06
CA THR B 239 17.36 12.33 5.21
C THR B 239 18.82 12.38 4.80
N GLN B 240 19.12 13.10 3.73
CA GLN B 240 20.40 13.00 3.06
C GLN B 240 20.98 14.39 2.84
N PRO B 241 22.28 14.50 2.53
CA PRO B 241 22.88 15.84 2.45
C PRO B 241 22.55 16.61 1.19
N GLN B 242 22.24 15.95 0.07
CA GLN B 242 22.02 16.64 -1.21
C GLN B 242 20.54 16.83 -1.49
N GLN B 243 20.18 18.05 -1.85
CA GLN B 243 18.79 18.44 -2.02
C GLN B 243 18.06 17.61 -3.07
N ASN B 244 18.79 16.95 -3.97
N ASN B 244 18.79 16.96 -3.98
CA ASN B 244 18.17 16.15 -5.04
CA ASN B 244 18.18 16.16 -5.05
C ASN B 244 18.50 14.67 -4.90
C ASN B 244 18.49 14.66 -4.90
N ALA B 245 18.74 14.20 -3.68
CA ALA B 245 19.04 12.79 -3.51
C ALA B 245 17.78 11.98 -3.80
N GLU B 246 17.98 10.78 -4.33
CA GLU B 246 16.88 9.87 -4.59
C GLU B 246 16.35 9.35 -3.25
N SER B 247 15.08 8.94 -3.22
CA SER B 247 14.52 8.41 -1.98
C SER B 247 15.27 7.13 -1.57
N ARG B 248 15.02 6.66 -0.35
CA ARG B 248 15.70 5.43 0.10
C ARG B 248 14.78 4.67 1.03
N ARG B 249 13.61 4.26 0.54
CA ARG B 249 12.72 3.45 1.36
C ARG B 249 13.35 2.13 1.77
N ASP B 250 14.34 1.65 1.01
CA ASP B 250 15.03 0.42 1.41
C ASP B 250 15.76 0.61 2.72
N VAL B 251 16.20 1.83 3.01
CA VAL B 251 16.85 2.10 4.28
C VAL B 251 15.84 1.95 5.42
N LEU B 252 14.61 2.42 5.21
CA LEU B 252 13.58 2.26 6.22
C LEU B 252 13.26 0.78 6.42
N ALA B 253 13.13 0.04 5.32
CA ALA B 253 12.90 -1.40 5.44
C ALA B 253 14.03 -2.08 6.22
N SER B 254 15.28 -1.67 5.96
CA SER B 254 16.43 -2.25 6.64
C SER B 254 16.41 -1.90 8.12
N ALA B 255 16.06 -0.66 8.45
CA ALA B 255 15.91 -0.25 9.84
C ALA B 255 14.84 -1.07 10.53
N ALA B 256 13.69 -1.27 9.86
CA ALA B 256 12.63 -2.06 10.46
C ALA B 256 13.09 -3.50 10.66
N ARG B 257 13.86 -4.04 9.72
CA ARG B 257 14.35 -5.40 9.89
C ARG B 257 15.30 -5.50 11.08
N ILE B 258 16.22 -4.55 11.22
CA ILE B 258 17.10 -4.52 12.39
C ILE B 258 16.29 -4.45 13.68
N ILE B 259 15.25 -3.60 13.70
CA ILE B 259 14.40 -3.45 14.89
C ILE B 259 13.67 -4.76 15.18
N ALA B 260 13.16 -5.40 14.12
CA ALA B 260 12.36 -6.63 14.25
C ALA B 260 13.20 -7.77 14.81
N GLU B 261 14.49 -7.82 14.49
CA GLU B 261 15.31 -8.88 15.05
C GLU B 261 15.42 -8.74 16.56
N GLY B 262 15.65 -7.53 17.07
CA GLY B 262 15.78 -7.48 18.51
C GLY B 262 14.48 -7.71 19.25
N LEU B 263 13.34 -7.72 18.52
CA LEU B 263 12.02 -7.97 19.09
C LEU B 263 11.75 -9.47 19.17
OAC NXL C . 0.16 -14.02 -3.28
CAN NXL C . -0.74 -14.08 -2.46
N NXL C . -0.56 -14.33 -1.15
CAJ NXL C . -1.56 -13.99 -0.13
CA NXL C . 0.74 -14.82 -0.67
C NXL C . 0.61 -16.25 -0.12
O NXL C . 0.06 -17.13 -0.78
NAA NXL C . 1.11 -16.46 1.08
CB NXL C . 1.31 -13.92 0.42
CAH NXL C . 0.22 -13.42 1.38
CAO NXL C . -0.95 -12.80 0.62
NAK NXL C . -0.61 -11.74 -0.35
OAL NXL C . 0.64 -11.72 -1.07
SAR NXL C . 1.05 -10.22 -1.53
OAD NXL C . 0.95 -9.44 -0.33
OAE NXL C . 0.08 -9.90 -2.55
OAG NXL C . 2.40 -10.41 -2.03
OAC NXL D . 5.38 13.32 1.95
CAN NXL D . 4.34 13.57 1.37
N NXL D . 4.22 13.69 0.03
CAJ NXL D . 2.91 13.55 -0.62
CA NXL D . 5.42 13.82 -0.81
C NXL D . 5.54 15.19 -1.50
O NXL D . 5.80 15.27 -2.71
NAA NXL D . 5.38 16.25 -0.74
CB NXL D . 5.47 12.70 -1.85
CAH NXL D . 4.11 12.43 -2.47
CAO NXL D . 3.04 12.23 -1.39
NAK NXL D . 3.39 11.22 -0.37
OAL NXL D . 3.58 9.96 -1.04
SAR NXL D . 4.52 9.00 -0.12
OAD NXL D . 3.81 8.96 1.14
OAE NXL D . 5.78 9.69 -0.08
OAG NXL D . 4.52 7.76 -0.84
#